data_3QVE
#
_entry.id   3QVE
#
_cell.length_a   118.840
_cell.length_b   118.840
_cell.length_c   93.190
_cell.angle_alpha   90.00
_cell.angle_beta   90.00
_cell.angle_gamma   120.00
#
_symmetry.space_group_name_H-M   'P 31 2 1'
#
loop_
_entity.id
_entity.type
_entity.pdbx_description
1 polymer 'HMG box-containing protein 1'
2 non-polymer 'SULFATE ION'
3 non-polymer 1,2-ETHANEDIOL
4 water water
#
_entity_poly.entity_id   1
_entity_poly.type   'polypeptide(L)'
_entity_poly.pdbx_seq_one_letter_code
;SMSWPSTVWHCFLKGTRLCFHKGSNKEWQDVEDFARAEGCDNEEDLQMGIHKGYGSDGLKLLSHEESVSFGESVLKLTFD
PGTVEDGLLTVECKLDHPFYVKNKGWSSFYPSLTVVQHGIPCCEVHIGDVCLPPGHPDA
;
_entity_poly.pdbx_strand_id   A,B,C
#
loop_
_chem_comp.id
_chem_comp.type
_chem_comp.name
_chem_comp.formula
EDO non-polymer 1,2-ETHANEDIOL 'C2 H6 O2'
SO4 non-polymer 'SULFATE ION' 'O4 S -2'
#
# COMPACT_ATOMS: atom_id res chain seq x y z
N SER A 1 -11.48 0.35 17.27
CA SER A 1 -10.21 0.09 18.03
C SER A 1 -9.17 1.17 17.65
N MET A 2 -8.29 0.90 16.68
CA MET A 2 -7.59 2.00 15.96
C MET A 2 -8.65 2.79 15.20
N SER A 3 -8.42 4.09 15.10
CA SER A 3 -9.43 4.99 14.55
C SER A 3 -9.57 4.82 13.02
N TRP A 4 -10.74 5.21 12.53
CA TRP A 4 -11.07 5.15 11.09
C TRP A 4 -10.08 5.83 10.13
N PRO A 5 -9.67 5.10 9.10
CA PRO A 5 -9.08 5.77 7.96
C PRO A 5 -10.09 6.71 7.31
N SER A 6 -9.59 7.55 6.40
CA SER A 6 -10.42 8.50 5.68
CA SER A 6 -10.42 8.51 5.67
C SER A 6 -11.24 7.78 4.61
N THR A 7 -12.54 7.77 4.79
CA THR A 7 -13.46 7.10 3.89
C THR A 7 -14.07 8.11 2.95
N VAL A 8 -14.43 7.66 1.75
CA VAL A 8 -15.09 8.53 0.79
C VAL A 8 -16.61 8.44 0.89
N TRP A 9 -17.13 7.23 0.95
CA TRP A 9 -18.56 6.98 1.02
C TRP A 9 -18.76 5.64 1.74
N HIS A 10 -19.65 5.61 2.73
CA HIS A 10 -19.86 4.43 3.57
C HIS A 10 -18.48 4.05 4.16
N CYS A 11 -18.10 2.78 4.19
CA CYS A 11 -16.78 2.38 4.73
C CYS A 11 -15.67 2.39 3.67
N PHE A 12 -15.96 2.84 2.45
CA PHE A 12 -15.06 2.69 1.29
C PHE A 12 -14.02 3.79 1.12
N LEU A 13 -12.78 3.34 0.91
CA LEU A 13 -11.64 4.24 0.73
C LEU A 13 -11.47 4.68 -0.73
N LYS A 14 -10.66 5.72 -0.89
CA LYS A 14 -10.30 6.26 -2.18
C LYS A 14 -9.79 5.14 -3.09
N GLY A 15 -10.25 5.14 -4.32
CA GLY A 15 -9.82 4.14 -5.30
C GLY A 15 -10.82 3.02 -5.45
N THR A 16 -11.80 2.96 -4.56
CA THR A 16 -12.90 1.98 -4.67
C THR A 16 -13.82 2.36 -5.83
N ARG A 17 -14.34 1.34 -6.51
CA ARG A 17 -15.32 1.50 -7.58
C ARG A 17 -16.56 0.75 -7.16
N LEU A 18 -17.72 1.34 -7.45
CA LEU A 18 -19.02 0.85 -7.00
C LEU A 18 -19.88 0.42 -8.18
N CYS A 19 -20.65 -0.63 -7.99
CA CYS A 19 -21.63 -1.05 -8.98
C CYS A 19 -22.90 -1.52 -8.28
N PHE A 20 -23.88 -0.63 -8.19
CA PHE A 20 -25.14 -0.92 -7.56
C PHE A 20 -25.97 -1.82 -8.47
N HIS A 21 -26.55 -2.87 -7.93
CA HIS A 21 -27.33 -3.77 -8.76
C HIS A 21 -28.71 -3.20 -9.08
N LYS A 22 -29.23 -2.31 -8.22
CA LYS A 22 -30.54 -1.70 -8.46
C LYS A 22 -30.40 -0.20 -8.52
N GLY A 23 -31.43 0.45 -9.05
CA GLY A 23 -31.45 1.91 -9.10
C GLY A 23 -31.17 2.48 -10.48
N SER A 24 -31.05 3.80 -10.54
CA SER A 24 -30.96 4.49 -11.82
C SER A 24 -29.58 4.34 -12.47
N ASN A 25 -28.53 4.04 -11.70
CA ASN A 25 -27.21 3.88 -12.31
C ASN A 25 -26.66 2.54 -11.90
N LYS A 26 -26.64 1.61 -12.86
CA LYS A 26 -26.14 0.24 -12.65
C LYS A 26 -24.76 0.05 -13.31
N GLU A 27 -24.07 1.16 -13.59
CA GLU A 27 -22.75 1.09 -14.19
CA GLU A 27 -22.74 1.15 -14.19
C GLU A 27 -21.73 1.24 -13.06
N TRP A 28 -20.50 0.84 -13.37
CA TRP A 28 -19.36 1.01 -12.47
C TRP A 28 -19.07 2.49 -12.35
N GLN A 29 -18.84 2.99 -11.13
CA GLN A 29 -18.43 4.36 -10.92
C GLN A 29 -17.39 4.45 -9.82
N ASP A 30 -16.44 5.37 -10.01
CA ASP A 30 -15.48 5.63 -8.97
C ASP A 30 -16.21 6.20 -7.76
N VAL A 31 -15.75 5.79 -6.58
CA VAL A 31 -16.37 6.20 -5.34
C VAL A 31 -16.36 7.73 -5.14
N GLU A 32 -15.31 8.41 -5.55
CA GLU A 32 -15.28 9.84 -5.39
C GLU A 32 -16.26 10.53 -6.37
N ASP A 33 -16.35 10.01 -7.59
CA ASP A 33 -17.29 10.55 -8.60
C ASP A 33 -18.71 10.33 -8.07
N PHE A 34 -18.98 9.15 -7.52
CA PHE A 34 -20.27 8.84 -6.91
C PHE A 34 -20.60 9.77 -5.75
N ALA A 35 -19.67 9.96 -4.82
CA ALA A 35 -19.91 10.72 -3.63
C ALA A 35 -20.16 12.20 -4.01
N ARG A 36 -19.46 12.68 -5.03
CA ARG A 36 -19.68 14.06 -5.50
C ARG A 36 -21.08 14.17 -6.14
N ALA A 37 -21.48 13.20 -6.94
CA ALA A 37 -22.80 13.17 -7.58
C ALA A 37 -23.96 13.07 -6.56
N GLU A 38 -23.76 12.38 -5.44
CA GLU A 38 -24.71 12.37 -4.32
C GLU A 38 -24.66 13.72 -3.59
N GLY A 39 -25.60 13.96 -2.68
CA GLY A 39 -25.67 15.26 -2.01
C GLY A 39 -24.55 15.58 -1.02
N GLY A 49 -29.40 12.52 -4.65
CA GLY A 49 -29.17 11.68 -3.47
C GLY A 49 -29.89 10.34 -3.51
N ILE A 50 -29.87 9.69 -4.67
CA ILE A 50 -30.52 8.39 -4.93
C ILE A 50 -30.26 7.25 -3.90
N HIS A 51 -29.10 7.27 -3.22
CA HIS A 51 -28.71 6.20 -2.30
C HIS A 51 -28.49 6.63 -0.83
N LYS A 52 -29.24 7.65 -0.40
CA LYS A 52 -29.11 8.12 0.98
C LYS A 52 -29.51 6.97 1.92
N GLY A 53 -28.63 6.67 2.88
CA GLY A 53 -28.95 5.65 3.88
C GLY A 53 -28.64 4.24 3.40
N TYR A 54 -28.14 4.08 2.16
CA TYR A 54 -27.83 2.74 1.67
C TYR A 54 -26.80 2.08 2.56
N GLY A 55 -27.13 0.89 3.06
CA GLY A 55 -26.23 0.12 3.88
C GLY A 55 -26.00 0.65 5.28
N SER A 56 -26.92 1.47 5.79
CA SER A 56 -26.73 2.10 7.09
C SER A 56 -26.69 1.10 8.28
N ASP A 57 -27.24 -0.08 8.10
CA ASP A 57 -27.15 -1.13 9.09
C ASP A 57 -25.95 -2.06 8.84
N GLY A 58 -25.08 -1.73 7.89
CA GLY A 58 -23.98 -2.61 7.55
C GLY A 58 -24.19 -3.30 6.22
N LEU A 59 -23.07 -3.79 5.69
CA LEU A 59 -23.06 -4.50 4.40
C LEU A 59 -22.52 -5.92 4.64
N LYS A 60 -23.36 -6.91 4.42
CA LYS A 60 -22.98 -8.29 4.63
C LYS A 60 -22.26 -8.82 3.39
N LEU A 61 -21.03 -9.28 3.57
CA LEU A 61 -20.28 -9.84 2.44
C LEU A 61 -20.85 -11.16 2.04
N LEU A 62 -21.16 -11.32 0.77
CA LEU A 62 -21.71 -12.54 0.24
C LEU A 62 -20.70 -13.32 -0.60
N SER A 63 -19.80 -12.62 -1.25
CA SER A 63 -18.89 -13.25 -2.20
C SER A 63 -17.68 -12.42 -2.47
N HIS A 64 -16.57 -13.07 -2.86
CA HIS A 64 -15.33 -12.36 -3.15
C HIS A 64 -14.50 -13.08 -4.18
N GLU A 65 -13.70 -12.33 -4.90
CA GLU A 65 -12.73 -12.89 -5.82
C GLU A 65 -11.68 -11.81 -6.02
N GLU A 66 -10.61 -12.18 -6.72
CA GLU A 66 -9.48 -11.34 -7.00
C GLU A 66 -9.33 -11.29 -8.47
N SER A 67 -8.83 -10.17 -8.95
CA SER A 67 -8.72 -9.92 -10.39
C SER A 67 -7.54 -8.98 -10.63
N VAL A 68 -7.24 -8.70 -11.89
CA VAL A 68 -6.27 -7.68 -12.27
C VAL A 68 -6.97 -6.63 -13.13
N SER A 69 -6.75 -5.35 -12.81
CA SER A 69 -7.31 -4.23 -13.55
C SER A 69 -6.20 -3.25 -13.80
N PHE A 70 -5.89 -3.04 -15.07
CA PHE A 70 -4.87 -2.10 -15.48
C PHE A 70 -3.57 -2.32 -14.71
N GLY A 71 -3.12 -3.57 -14.69
CA GLY A 71 -1.86 -3.91 -14.06
C GLY A 71 -1.87 -4.06 -12.54
N GLU A 72 -3.01 -3.76 -11.90
CA GLU A 72 -3.13 -3.81 -10.47
C GLU A 72 -4.03 -4.93 -10.00
N SER A 73 -3.56 -5.65 -8.99
CA SER A 73 -4.36 -6.68 -8.33
C SER A 73 -5.45 -6.01 -7.51
N VAL A 74 -6.70 -6.45 -7.68
CA VAL A 74 -7.84 -5.90 -6.97
C VAL A 74 -8.77 -7.00 -6.45
N LEU A 75 -9.65 -6.64 -5.53
CA LEU A 75 -10.70 -7.51 -5.01
C LEU A 75 -11.99 -7.03 -5.69
N LYS A 76 -12.89 -7.98 -5.90
CA LYS A 76 -14.24 -7.72 -6.30
C LYS A 76 -15.12 -8.42 -5.33
N LEU A 77 -16.00 -7.66 -4.70
CA LEU A 77 -16.80 -8.12 -3.55
C LEU A 77 -18.24 -7.80 -3.76
N THR A 78 -19.14 -8.66 -3.28
CA THR A 78 -20.58 -8.37 -3.39
C THR A 78 -21.16 -8.38 -2.00
N PHE A 79 -21.91 -7.32 -1.72
CA PHE A 79 -22.44 -7.04 -0.40
C PHE A 79 -23.97 -6.96 -0.42
N ASP A 80 -24.60 -7.34 0.69
CA ASP A 80 -26.04 -7.27 0.91
C ASP A 80 -26.37 -6.26 2.01
N PRO A 81 -27.12 -5.18 1.69
CA PRO A 81 -27.48 -4.21 2.72
C PRO A 81 -28.65 -4.60 3.60
N GLY A 82 -29.29 -5.71 3.31
CA GLY A 82 -30.33 -6.26 4.20
C GLY A 82 -31.78 -5.93 3.79
N THR A 83 -31.98 -5.24 2.68
CA THR A 83 -33.29 -4.89 2.14
C THR A 83 -33.30 -5.19 0.66
N VAL A 84 -34.22 -6.03 0.22
CA VAL A 84 -34.28 -6.41 -1.19
C VAL A 84 -34.41 -5.25 -2.15
N GLU A 85 -35.21 -4.26 -1.77
CA GLU A 85 -35.52 -3.14 -2.67
C GLU A 85 -34.30 -2.27 -2.92
N ASP A 86 -33.40 -2.18 -1.94
CA ASP A 86 -32.15 -1.42 -2.11
C ASP A 86 -31.17 -2.10 -3.08
N GLY A 87 -31.22 -3.43 -3.12
CA GLY A 87 -30.39 -4.21 -4.02
C GLY A 87 -28.97 -4.43 -3.50
N LEU A 88 -28.31 -5.41 -4.11
CA LEU A 88 -26.91 -5.71 -3.80
C LEU A 88 -25.98 -4.63 -4.32
N LEU A 89 -24.76 -4.65 -3.81
CA LEU A 89 -23.68 -3.76 -4.28
C LEU A 89 -22.47 -4.58 -4.54
N THR A 90 -21.85 -4.42 -5.71
CA THR A 90 -20.55 -5.02 -6.00
C THR A 90 -19.53 -3.89 -6.02
N VAL A 91 -18.36 -4.12 -5.44
CA VAL A 91 -17.31 -3.12 -5.43
C VAL A 91 -16.03 -3.74 -5.92
N GLU A 92 -15.15 -2.88 -6.43
CA GLU A 92 -13.75 -3.23 -6.65
C GLU A 92 -12.94 -2.43 -5.65
N CYS A 93 -12.07 -3.07 -4.89
CA CYS A 93 -11.28 -2.33 -3.91
C CYS A 93 -9.86 -2.87 -3.88
N LYS A 94 -8.95 -2.12 -3.26
CA LYS A 94 -7.57 -2.58 -3.13
C LYS A 94 -7.46 -3.77 -2.15
N LEU A 95 -6.42 -4.59 -2.31
CA LEU A 95 -6.25 -5.79 -1.49
C LEU A 95 -6.10 -5.47 -0.01
N ASP A 96 -5.61 -4.27 0.29
CA ASP A 96 -5.36 -3.85 1.65
C ASP A 96 -6.55 -3.08 2.29
N HIS A 97 -7.69 -3.04 1.61
CA HIS A 97 -8.89 -2.34 2.14
C HIS A 97 -9.32 -2.99 3.49
N PRO A 98 -9.39 -2.18 4.55
CA PRO A 98 -9.86 -2.67 5.86
C PRO A 98 -11.38 -2.57 6.01
N PHE A 99 -11.95 -3.45 6.82
CA PHE A 99 -13.39 -3.45 7.06
C PHE A 99 -13.58 -3.60 8.56
N TYR A 100 -14.55 -2.88 9.10
CA TYR A 100 -14.85 -2.94 10.50
C TYR A 100 -16.05 -3.82 10.65
N VAL A 101 -15.82 -5.06 11.11
CA VAL A 101 -16.82 -6.10 11.08
C VAL A 101 -17.55 -6.12 12.41
N LYS A 102 -18.88 -6.08 12.36
CA LYS A 102 -19.74 -6.16 13.55
CA LYS A 102 -19.72 -6.15 13.56
C LYS A 102 -19.41 -7.41 14.35
N ASN A 103 -19.23 -7.24 15.67
CA ASN A 103 -18.85 -8.34 16.60
C ASN A 103 -17.47 -8.96 16.35
N LYS A 104 -16.62 -8.30 15.60
CA LYS A 104 -15.29 -8.83 15.32
C LYS A 104 -14.21 -7.73 15.24
N GLY A 105 -14.50 -6.56 14.67
CA GLY A 105 -13.52 -5.49 14.63
C GLY A 105 -12.79 -5.47 13.30
N TRP A 106 -11.62 -4.86 13.30
CA TRP A 106 -10.92 -4.58 12.05
C TRP A 106 -10.53 -5.90 11.37
N SER A 107 -10.82 -5.98 10.08
CA SER A 107 -10.60 -7.18 9.30
C SER A 107 -10.16 -6.81 7.88
N SER A 108 -9.52 -7.75 7.18
CA SER A 108 -8.99 -7.50 5.86
C SER A 108 -8.85 -8.82 5.16
N PHE A 109 -8.82 -8.80 3.84
CA PHE A 109 -8.48 -10.01 3.09
C PHE A 109 -6.97 -10.23 3.14
N TYR A 110 -6.19 -9.17 3.42
CA TYR A 110 -4.73 -9.29 3.48
C TYR A 110 -4.20 -8.48 4.65
N PRO A 111 -4.32 -9.03 5.87
CA PRO A 111 -4.02 -8.26 7.09
C PRO A 111 -2.63 -7.61 7.07
N SER A 112 -1.61 -8.28 6.50
CA SER A 112 -0.28 -7.69 6.47
C SER A 112 -0.19 -6.52 5.54
N LEU A 113 -0.87 -6.59 4.40
CA LEU A 113 -0.89 -5.43 3.50
C LEU A 113 -1.63 -4.28 4.13
N THR A 114 -2.69 -4.56 4.88
CA THR A 114 -3.40 -3.47 5.62
C THR A 114 -2.56 -2.82 6.72
N VAL A 115 -1.75 -3.62 7.40
CA VAL A 115 -0.78 -3.06 8.39
C VAL A 115 0.15 -2.06 7.73
N VAL A 116 0.71 -2.42 6.60
CA VAL A 116 1.65 -1.52 5.95
C VAL A 116 0.98 -0.26 5.47
N GLN A 117 -0.18 -0.38 4.84
CA GLN A 117 -0.82 0.77 4.24
C GLN A 117 -1.57 1.65 5.24
N HIS A 118 -2.20 1.06 6.25
CA HIS A 118 -3.04 1.81 7.19
C HIS A 118 -2.60 1.72 8.64
N GLY A 119 -1.65 0.86 8.98
CA GLY A 119 -1.23 0.74 10.40
C GLY A 119 -2.22 -0.03 11.30
N ILE A 120 -3.21 -0.69 10.71
CA ILE A 120 -4.27 -1.28 11.49
C ILE A 120 -4.08 -2.81 11.52
N PRO A 121 -3.97 -3.40 12.70
CA PRO A 121 -3.93 -4.86 12.80
C PRO A 121 -5.31 -5.51 12.55
N CYS A 122 -5.36 -6.58 11.79
CA CYS A 122 -6.64 -7.10 11.30
C CYS A 122 -6.75 -8.58 11.41
N CYS A 123 -7.94 -9.05 11.74
CA CYS A 123 -8.35 -10.42 11.51
CA CYS A 123 -8.21 -10.45 11.49
C CYS A 123 -8.64 -10.61 10.02
N GLU A 124 -8.86 -11.84 9.63
CA GLU A 124 -9.23 -12.16 8.28
C GLU A 124 -10.74 -11.97 8.09
N VAL A 125 -11.12 -11.35 6.98
CA VAL A 125 -12.52 -11.18 6.59
CA VAL A 125 -12.53 -11.20 6.69
C VAL A 125 -13.05 -12.49 6.08
N HIS A 126 -14.31 -12.81 6.37
CA HIS A 126 -14.99 -13.98 5.73
C HIS A 126 -16.40 -13.64 5.28
N ILE A 127 -16.89 -14.43 4.33
CA ILE A 127 -18.28 -14.37 3.90
C ILE A 127 -19.19 -14.46 5.15
N GLY A 128 -20.20 -13.61 5.18
CA GLY A 128 -21.06 -13.49 6.34
C GLY A 128 -20.75 -12.28 7.18
N ASP A 129 -19.51 -11.77 7.15
CA ASP A 129 -19.16 -10.60 7.94
C ASP A 129 -20.00 -9.38 7.54
N VAL A 130 -20.48 -8.66 8.55
CA VAL A 130 -21.24 -7.45 8.33
C VAL A 130 -20.29 -6.29 8.53
N CYS A 131 -20.05 -5.59 7.42
CA CYS A 131 -19.08 -4.52 7.37
C CYS A 131 -19.82 -3.19 7.66
N LEU A 132 -19.40 -2.50 8.71
CA LEU A 132 -20.10 -1.33 9.21
C LEU A 132 -19.52 -0.05 8.63
N PRO A 133 -20.38 0.95 8.39
CA PRO A 133 -19.96 2.28 8.03
C PRO A 133 -19.49 3.07 9.23
N PRO A 134 -18.64 4.09 9.04
CA PRO A 134 -18.22 4.93 10.15
C PRO A 134 -19.45 5.57 10.80
N GLY A 135 -19.41 5.75 12.12
CA GLY A 135 -20.59 6.31 12.82
C GLY A 135 -21.79 5.37 13.01
N HIS A 136 -21.65 4.09 12.67
CA HIS A 136 -22.65 3.12 13.02
C HIS A 136 -22.55 2.99 14.56
N PRO A 137 -23.66 2.75 15.26
CA PRO A 137 -23.50 2.64 16.73
C PRO A 137 -22.54 1.53 17.21
N ASP A 138 -22.31 0.48 16.43
CA ASP A 138 -21.44 -0.59 16.85
C ASP A 138 -20.07 -0.49 16.22
N ALA A 139 -19.75 0.68 15.64
CA ALA A 139 -18.45 0.87 14.94
C ALA A 139 -17.56 1.88 15.65
N SER B 1 7.55 4.49 10.66
CA SER B 1 6.84 3.55 11.57
C SER B 1 7.07 3.93 13.05
N MET B 2 8.32 3.95 13.49
CA MET B 2 8.67 4.30 14.88
C MET B 2 10.17 4.23 15.22
N SER B 3 10.54 4.91 16.30
CA SER B 3 11.87 4.77 16.90
C SER B 3 12.05 3.34 17.46
N TRP B 4 13.26 3.05 17.91
CA TRP B 4 13.60 1.66 18.23
C TRP B 4 12.86 1.06 19.45
N PRO B 5 12.35 -0.18 19.33
CA PRO B 5 12.02 -0.88 20.57
C PRO B 5 13.29 -1.12 21.40
N SER B 6 13.14 -1.63 22.62
CA SER B 6 14.24 -1.73 23.54
C SER B 6 15.02 -3.03 23.29
N THR B 7 16.20 -2.89 22.71
CA THR B 7 17.05 -4.01 22.32
C THR B 7 18.01 -4.38 23.44
N VAL B 8 18.37 -5.64 23.47
CA VAL B 8 19.28 -6.14 24.47
C VAL B 8 20.70 -6.23 23.88
N TRP B 9 20.81 -6.77 22.66
CA TRP B 9 22.11 -6.93 21.98
C TRP B 9 21.82 -6.92 20.48
N HIS B 10 22.58 -6.13 19.73
CA HIS B 10 22.32 -5.94 18.30
C HIS B 10 20.83 -5.55 18.15
N CYS B 11 20.06 -6.15 17.23
CA CYS B 11 18.67 -5.74 17.08
C CYS B 11 17.71 -6.60 17.93
N PHE B 12 18.23 -7.45 18.82
CA PHE B 12 17.45 -8.53 19.36
C PHE B 12 16.86 -8.10 20.68
N LEU B 13 15.60 -8.43 20.82
CA LEU B 13 14.79 -8.07 21.98
C LEU B 13 14.87 -9.14 23.07
N LYS B 14 14.30 -8.80 24.22
CA LYS B 14 14.25 -9.68 25.39
C LYS B 14 13.58 -10.99 25.05
N GLY B 15 14.16 -12.06 25.54
CA GLY B 15 13.61 -13.41 25.33
C GLY B 15 14.30 -14.12 24.17
N THR B 16 15.08 -13.40 23.39
CA THR B 16 15.83 -14.02 22.31
C THR B 16 16.94 -14.93 22.85
N ARG B 17 17.19 -16.03 22.16
CA ARG B 17 18.29 -16.93 22.49
C ARG B 17 19.23 -16.97 21.29
N LEU B 18 20.54 -17.05 21.56
CA LEU B 18 21.56 -16.87 20.54
C LEU B 18 22.39 -18.16 20.49
N CYS B 19 22.73 -18.59 19.29
CA CYS B 19 23.67 -19.68 19.10
C CYS B 19 24.67 -19.37 18.00
N PHE B 20 25.86 -18.93 18.37
CA PHE B 20 26.91 -18.64 17.40
C PHE B 20 27.50 -19.94 16.84
N HIS B 21 27.72 -19.99 15.55
CA HIS B 21 28.21 -21.19 14.91
C HIS B 21 29.71 -21.24 15.07
N LYS B 22 30.37 -20.10 15.28
CA LYS B 22 31.82 -20.08 15.47
C LYS B 22 32.19 -19.38 16.78
N GLY B 23 33.42 -19.61 17.24
CA GLY B 23 33.93 -18.97 18.46
C GLY B 23 33.94 -19.88 19.67
N SER B 24 34.26 -19.30 20.82
CA SER B 24 34.51 -20.02 22.07
C SER B 24 33.24 -20.56 22.76
N ASN B 25 32.07 -20.05 22.40
CA ASN B 25 30.83 -20.53 22.98
C ASN B 25 29.86 -20.79 21.82
N LYS B 26 29.65 -22.07 21.51
CA LYS B 26 28.71 -22.50 20.46
C LYS B 26 27.41 -23.13 21.04
N GLU B 27 27.17 -22.87 22.32
CA GLU B 27 25.97 -23.32 22.94
C GLU B 27 24.94 -22.20 22.84
N TRP B 28 23.71 -22.56 23.16
CA TRP B 28 22.61 -21.62 23.20
C TRP B 28 22.77 -20.78 24.45
N GLN B 29 22.55 -19.49 24.30
CA GLN B 29 22.50 -18.59 25.42
C GLN B 29 21.42 -17.52 25.31
N ASP B 30 20.81 -17.24 26.45
CA ASP B 30 19.87 -16.19 26.52
C ASP B 30 20.57 -14.86 26.19
N VAL B 31 19.85 -13.99 25.53
CA VAL B 31 20.43 -12.69 25.06
C VAL B 31 20.82 -11.77 26.20
N GLU B 32 20.04 -11.74 27.28
CA GLU B 32 20.44 -10.95 28.45
C GLU B 32 21.69 -11.49 29.14
N ASP B 33 21.78 -12.82 29.27
CA ASP B 33 22.93 -13.44 29.91
C ASP B 33 24.16 -13.16 29.00
N PHE B 34 24.02 -13.28 27.71
CA PHE B 34 25.08 -12.96 26.78
C PHE B 34 25.59 -11.50 26.85
N ALA B 35 24.66 -10.54 26.88
CA ALA B 35 24.96 -9.13 26.92
C ALA B 35 25.66 -8.77 28.23
N ARG B 36 25.29 -9.42 29.34
CA ARG B 36 25.94 -9.17 30.61
C ARG B 36 27.40 -9.67 30.54
N ALA B 37 27.59 -10.89 30.03
CA ALA B 37 28.94 -11.47 29.90
C ALA B 37 29.83 -10.75 28.86
N GLU B 38 29.25 -10.06 27.87
CA GLU B 38 30.02 -9.29 26.87
C GLU B 38 30.55 -7.94 27.36
N GLY B 39 30.12 -7.46 28.53
CA GLY B 39 30.63 -6.22 29.11
C GLY B 39 29.75 -5.02 28.83
N GLY B 49 34.55 -8.64 25.64
CA GLY B 49 33.52 -8.81 24.60
C GLY B 49 34.05 -9.45 23.32
N ILE B 50 34.09 -10.78 23.29
CA ILE B 50 34.62 -11.53 22.12
C ILE B 50 33.77 -11.46 20.83
N HIS B 51 32.54 -10.95 20.91
CA HIS B 51 31.70 -10.72 19.71
C HIS B 51 31.43 -9.23 19.44
N LYS B 52 32.35 -8.38 19.88
CA LYS B 52 32.24 -6.94 19.69
C LYS B 52 32.26 -6.69 18.19
N GLY B 53 31.28 -5.94 17.69
CA GLY B 53 31.20 -5.64 16.26
C GLY B 53 30.59 -6.74 15.41
N TYR B 54 30.27 -7.91 15.97
CA TYR B 54 29.59 -8.97 15.19
C TYR B 54 28.31 -8.43 14.56
N GLY B 55 28.17 -8.58 13.26
CA GLY B 55 26.96 -8.12 12.56
C GLY B 55 26.82 -6.61 12.42
N SER B 56 27.92 -5.88 12.55
CA SER B 56 27.87 -4.41 12.47
C SER B 56 27.37 -3.88 11.12
N ASP B 57 27.57 -4.62 10.05
CA ASP B 57 27.02 -4.27 8.74
C ASP B 57 25.68 -4.90 8.48
N GLY B 58 25.05 -5.47 9.49
CA GLY B 58 23.75 -6.11 9.26
C GLY B 58 23.84 -7.62 9.26
N LEU B 59 22.69 -8.27 9.43
CA LEU B 59 22.59 -9.72 9.50
C LEU B 59 21.63 -10.17 8.41
N LYS B 60 22.15 -10.89 7.44
CA LYS B 60 21.34 -11.34 6.33
C LYS B 60 20.60 -12.62 6.69
N LEU B 61 19.28 -12.59 6.60
CA LEU B 61 18.48 -13.78 6.92
C LEU B 61 18.64 -14.85 5.84
N LEU B 62 19.07 -16.04 6.22
CA LEU B 62 19.21 -17.16 5.28
C LEU B 62 18.08 -18.17 5.36
N SER B 63 17.49 -18.36 6.55
CA SER B 63 16.46 -19.35 6.76
C SER B 63 15.63 -19.04 7.97
N HIS B 64 14.43 -19.61 7.97
CA HIS B 64 13.47 -19.41 9.04
C HIS B 64 12.57 -20.61 9.19
N GLU B 65 12.21 -20.92 10.42
CA GLU B 65 11.16 -21.92 10.67
C GLU B 65 10.49 -21.52 11.96
N GLU B 66 9.44 -22.26 12.33
CA GLU B 66 8.77 -22.09 13.60
C GLU B 66 8.84 -23.36 14.33
N SER B 67 8.84 -23.26 15.65
CA SER B 67 9.05 -24.42 16.51
C SER B 67 8.28 -24.18 17.80
N VAL B 68 8.23 -25.16 18.69
CA VAL B 68 7.57 -25.01 19.98
C VAL B 68 8.66 -25.28 20.99
N SER B 69 8.85 -24.36 21.95
CA SER B 69 9.85 -24.57 23.00
C SER B 69 9.16 -24.32 24.32
N PHE B 70 9.15 -25.34 25.16
CA PHE B 70 8.46 -25.29 26.47
C PHE B 70 7.07 -24.71 26.32
N GLY B 71 6.32 -25.24 25.35
CA GLY B 71 4.93 -24.82 25.19
C GLY B 71 4.75 -23.50 24.43
N GLU B 72 5.82 -22.83 24.04
CA GLU B 72 5.65 -21.55 23.38
C GLU B 72 6.06 -21.68 21.94
N SER B 73 5.27 -21.10 21.04
CA SER B 73 5.66 -20.97 19.64
C SER B 73 6.73 -19.91 19.49
N VAL B 74 7.82 -20.25 18.80
CA VAL B 74 8.94 -19.39 18.60
C VAL B 74 9.41 -19.51 17.18
N LEU B 75 10.15 -18.51 16.73
CA LEU B 75 10.87 -18.54 15.46
C LEU B 75 12.28 -19.03 15.73
N LYS B 76 12.85 -19.71 14.75
CA LYS B 76 14.26 -19.96 14.67
C LYS B 76 14.75 -19.48 13.33
N LEU B 77 15.82 -18.70 13.39
CA LEU B 77 16.27 -17.94 12.26
C LEU B 77 17.76 -18.05 12.17
N THR B 78 18.29 -18.17 10.95
CA THR B 78 19.74 -18.17 10.78
C THR B 78 20.18 -16.97 9.92
N PHE B 79 21.24 -16.33 10.37
CA PHE B 79 21.73 -15.09 9.82
C PHE B 79 23.21 -15.19 9.44
N ASP B 80 23.59 -14.44 8.41
CA ASP B 80 24.93 -14.33 7.92
C ASP B 80 25.42 -12.89 8.11
N PRO B 81 26.49 -12.70 8.87
CA PRO B 81 27.04 -11.33 9.11
C PRO B 81 27.92 -10.82 7.96
N GLY B 82 28.20 -11.65 6.97
CA GLY B 82 28.93 -11.25 5.79
C GLY B 82 30.43 -11.59 5.80
N THR B 83 30.94 -12.11 6.92
CA THR B 83 32.36 -12.54 7.04
C THR B 83 32.40 -13.98 7.44
N VAL B 84 33.03 -14.83 6.64
CA VAL B 84 33.10 -16.25 6.89
C VAL B 84 33.71 -16.53 8.26
N GLU B 85 34.77 -15.84 8.62
CA GLU B 85 35.46 -16.07 9.88
C GLU B 85 34.60 -15.76 11.09
N ASP B 86 33.68 -14.81 10.98
CA ASP B 86 32.80 -14.52 12.12
C ASP B 86 31.77 -15.64 12.36
N GLY B 87 31.46 -16.39 11.32
CA GLY B 87 30.46 -17.44 11.44
C GLY B 87 29.01 -16.96 11.44
N LEU B 88 28.11 -17.90 11.13
CA LEU B 88 26.68 -17.65 11.16
C LEU B 88 26.18 -17.60 12.59
N LEU B 89 24.98 -17.09 12.73
CA LEU B 89 24.26 -16.99 13.98
C LEU B 89 22.84 -17.53 13.80
N THR B 90 22.42 -18.44 14.68
CA THR B 90 21.06 -18.89 14.73
C THR B 90 20.45 -18.32 16.00
N VAL B 91 19.24 -17.80 15.90
CA VAL B 91 18.56 -17.27 17.05
C VAL B 91 17.22 -17.95 17.18
N GLU B 92 16.74 -17.95 18.41
CA GLU B 92 15.34 -18.17 18.74
C GLU B 92 14.72 -16.89 19.24
N CYS B 93 13.56 -16.51 18.66
CA CYS B 93 12.90 -15.28 19.03
C CYS B 93 11.41 -15.39 18.98
N LYS B 94 10.79 -14.40 19.59
CA LYS B 94 9.33 -14.39 19.65
C LYS B 94 8.76 -14.14 18.27
N LEU B 95 7.51 -14.57 18.05
CA LEU B 95 6.91 -14.48 16.70
C LEU B 95 6.73 -13.04 16.22
N ASP B 96 6.53 -12.11 17.13
CA ASP B 96 6.27 -10.71 16.79
C ASP B 96 7.52 -9.84 16.73
N HIS B 97 8.71 -10.46 16.72
CA HIS B 97 9.97 -9.73 16.80
C HIS B 97 10.05 -8.85 15.53
N PRO B 98 10.27 -7.54 15.70
CA PRO B 98 10.47 -6.63 14.58
C PRO B 98 11.93 -6.55 14.18
N PHE B 99 12.15 -6.29 12.90
CA PHE B 99 13.48 -6.15 12.33
C PHE B 99 13.52 -4.91 11.43
N TYR B 100 14.61 -4.16 11.50
CA TYR B 100 14.76 -3.01 10.60
C TYR B 100 15.64 -3.41 9.43
N VAL B 101 15.02 -3.59 8.28
CA VAL B 101 15.66 -4.19 7.13
C VAL B 101 16.22 -3.12 6.18
N LYS B 102 17.44 -3.35 5.75
CA LYS B 102 18.10 -2.42 4.83
C LYS B 102 17.28 -2.30 3.55
N ASN B 103 17.04 -1.06 3.14
CA ASN B 103 16.20 -0.72 1.99
C ASN B 103 14.78 -1.20 2.07
N LYS B 104 14.27 -1.40 3.28
CA LYS B 104 12.89 -1.79 3.41
C LYS B 104 12.23 -1.20 4.63
N GLY B 105 12.95 -1.07 5.74
CA GLY B 105 12.36 -0.58 6.95
C GLY B 105 11.84 -1.71 7.82
N TRP B 106 10.95 -1.33 8.71
CA TRP B 106 10.46 -2.22 9.74
C TRP B 106 9.70 -3.37 9.14
N SER B 107 10.07 -4.57 9.58
CA SER B 107 9.61 -5.82 9.02
C SER B 107 9.38 -6.84 10.14
N SER B 108 8.47 -7.76 9.90
CA SER B 108 8.09 -8.78 10.87
C SER B 108 7.58 -10.01 10.16
N PHE B 109 7.65 -11.17 10.82
CA PHE B 109 6.98 -12.34 10.29
C PHE B 109 5.49 -12.32 10.58
N TYR B 110 5.04 -11.51 11.55
CA TYR B 110 3.61 -11.44 11.91
C TYR B 110 3.23 -9.97 12.12
N PRO B 111 3.00 -9.24 11.03
CA PRO B 111 2.85 -7.79 11.14
C PRO B 111 1.72 -7.32 12.06
N SER B 112 0.57 -7.98 12.05
CA SER B 112 -0.54 -7.56 12.89
C SER B 112 -0.17 -7.76 14.34
N LEU B 113 0.45 -8.91 14.66
CA LEU B 113 0.84 -9.16 16.04
C LEU B 113 1.88 -8.14 16.48
N THR B 114 2.78 -7.78 15.57
CA THR B 114 3.82 -6.80 15.89
C THR B 114 3.21 -5.39 16.16
N VAL B 115 2.18 -4.98 15.42
CA VAL B 115 1.52 -3.70 15.71
CA VAL B 115 1.54 -3.69 15.71
C VAL B 115 0.92 -3.71 17.10
N VAL B 116 0.22 -4.78 17.44
CA VAL B 116 -0.44 -4.86 18.73
C VAL B 116 0.59 -4.86 19.87
N GLN B 117 1.67 -5.63 19.74
CA GLN B 117 2.62 -5.78 20.85
C GLN B 117 3.63 -4.67 20.95
N HIS B 118 4.06 -4.11 19.81
CA HIS B 118 5.12 -3.11 19.78
C HIS B 118 4.74 -1.77 19.20
N GLY B 119 3.56 -1.65 18.59
CA GLY B 119 3.11 -0.39 17.99
C GLY B 119 3.91 0.02 16.74
N ILE B 120 4.59 -0.92 16.09
CA ILE B 120 5.33 -0.65 14.88
C ILE B 120 4.66 -1.34 13.68
N PRO B 121 4.22 -0.58 12.66
CA PRO B 121 3.67 -1.21 11.44
C PRO B 121 4.79 -1.72 10.56
N CYS B 122 4.72 -2.97 10.17
CA CYS B 122 5.85 -3.62 9.50
C CYS B 122 5.47 -4.26 8.19
N CYS B 123 6.40 -4.31 7.22
CA CYS B 123 6.34 -5.15 6.06
CA CYS B 123 6.19 -5.17 6.09
C CYS B 123 6.60 -6.59 6.50
N GLU B 124 6.43 -7.53 5.59
CA GLU B 124 6.77 -8.91 5.87
C GLU B 124 8.25 -9.14 5.67
N VAL B 125 8.87 -9.94 6.53
CA VAL B 125 10.27 -10.29 6.40
C VAL B 125 10.41 -11.40 5.36
N HIS B 126 11.49 -11.38 4.58
CA HIS B 126 11.79 -12.54 3.71
C HIS B 126 13.26 -12.88 3.71
N ILE B 127 13.59 -14.10 3.28
CA ILE B 127 14.98 -14.52 3.17
C ILE B 127 15.70 -13.52 2.25
N GLY B 128 16.94 -13.17 2.59
CA GLY B 128 17.69 -12.15 1.88
C GLY B 128 17.64 -10.82 2.58
N ASP B 129 16.65 -10.58 3.44
CA ASP B 129 16.58 -9.32 4.17
C ASP B 129 17.82 -9.13 5.08
N VAL B 130 18.44 -7.96 5.00
CA VAL B 130 19.58 -7.64 5.86
C VAL B 130 19.07 -6.81 7.05
N CYS B 131 19.13 -7.41 8.25
CA CYS B 131 18.56 -6.82 9.45
C CYS B 131 19.64 -6.03 10.13
N LEU B 132 19.40 -4.74 10.28
CA LEU B 132 20.43 -3.80 10.73
C LEU B 132 20.38 -3.68 12.23
N PRO B 133 21.53 -3.47 12.89
CA PRO B 133 21.55 -3.13 14.31
C PRO B 133 21.20 -1.64 14.57
N PRO B 134 20.80 -1.27 15.81
CA PRO B 134 20.55 0.14 16.11
C PRO B 134 21.82 0.92 15.91
N GLY B 135 21.71 2.14 15.42
CA GLY B 135 22.95 2.93 15.20
C GLY B 135 23.86 2.46 14.06
N HIS B 136 23.38 1.59 13.17
CA HIS B 136 23.95 1.47 11.84
C HIS B 136 23.65 2.80 11.12
N PRO B 137 24.50 3.25 10.18
CA PRO B 137 24.22 4.53 9.47
C PRO B 137 22.87 4.58 8.71
N ASP B 138 22.37 3.42 8.26
CA ASP B 138 21.05 3.34 7.60
C ASP B 138 19.89 3.05 8.59
N ALA B 139 20.14 3.04 9.91
CA ALA B 139 19.16 2.60 10.93
C ALA B 139 18.66 3.72 11.83
N MET C 2 12.13 0.17 -22.97
CA MET C 2 11.36 1.39 -22.57
C MET C 2 9.85 1.10 -22.71
N SER C 3 9.43 -0.05 -22.13
CA SER C 3 8.11 -0.66 -22.36
C SER C 3 7.03 -0.37 -21.28
N TRP C 4 5.81 -0.10 -21.76
CA TRP C 4 4.86 0.70 -21.02
C TRP C 4 4.12 0.00 -19.87
N PRO C 5 3.97 0.70 -18.72
CA PRO C 5 3.03 0.22 -17.72
C PRO C 5 1.60 0.37 -18.24
N SER C 6 0.64 -0.22 -17.53
CA SER C 6 -0.70 -0.27 -18.03
C SER C 6 -1.41 1.05 -17.82
N THR C 7 -1.66 1.76 -18.92
CA THR C 7 -2.32 3.04 -18.89
C THR C 7 -3.82 2.90 -19.19
N VAL C 8 -4.60 3.80 -18.61
CA VAL C 8 -6.03 3.84 -18.84
C VAL C 8 -6.40 4.81 -19.97
N TRP C 9 -5.83 6.00 -19.97
CA TRP C 9 -6.10 7.00 -20.97
C TRP C 9 -4.82 7.84 -21.10
N HIS C 10 -4.38 8.10 -22.34
CA HIS C 10 -3.11 8.81 -22.60
C HIS C 10 -2.02 8.09 -21.81
N CYS C 11 -1.16 8.83 -21.08
CA CYS C 11 -0.13 8.16 -20.26
C CYS C 11 -0.55 7.86 -18.83
N PHE C 12 -1.81 8.09 -18.49
CA PHE C 12 -2.23 8.04 -17.08
C PHE C 12 -2.66 6.64 -16.58
N LEU C 13 -2.12 6.28 -15.44
CA LEU C 13 -2.40 5.02 -14.77
C LEU C 13 -3.70 5.06 -13.99
N LYS C 14 -4.16 3.87 -13.62
CA LYS C 14 -5.38 3.69 -12.81
C LYS C 14 -5.37 4.53 -11.55
N GLY C 15 -6.48 5.19 -11.22
CA GLY C 15 -6.55 6.03 -10.02
C GLY C 15 -6.24 7.51 -10.24
N THR C 16 -5.74 7.83 -11.42
CA THR C 16 -5.59 9.22 -11.83
C THR C 16 -6.96 9.86 -11.99
N ARG C 17 -7.04 11.14 -11.61
CA ARG C 17 -8.24 11.96 -11.81
C ARG C 17 -7.90 13.12 -12.74
N LEU C 18 -8.86 13.47 -13.59
CA LEU C 18 -8.71 14.45 -14.67
C LEU C 18 -9.68 15.59 -14.50
N CYS C 19 -9.22 16.79 -14.83
CA CYS C 19 -10.05 17.96 -14.86
C CYS C 19 -9.66 18.78 -16.07
N PHE C 20 -10.46 18.66 -17.12
CA PHE C 20 -10.27 19.48 -18.30
C PHE C 20 -10.72 20.91 -18.07
N HIS C 21 -9.89 21.86 -18.47
CA HIS C 21 -10.26 23.26 -18.30
C HIS C 21 -11.30 23.70 -19.35
N LYS C 22 -11.34 23.02 -20.50
CA LYS C 22 -12.27 23.38 -21.56
C LYS C 22 -13.08 22.16 -21.95
N GLY C 23 -14.25 22.43 -22.51
CA GLY C 23 -15.14 21.38 -23.02
C GLY C 23 -16.41 21.27 -22.20
N SER C 24 -17.18 20.25 -22.51
CA SER C 24 -18.51 20.12 -21.97
C SER C 24 -18.45 19.53 -20.53
N ASN C 25 -17.34 18.89 -20.15
CA ASN C 25 -17.19 18.45 -18.76
C ASN C 25 -15.96 19.06 -18.10
N LYS C 26 -16.22 20.06 -17.25
CA LYS C 26 -15.16 20.74 -16.51
C LYS C 26 -15.00 20.27 -15.04
N GLU C 27 -15.63 19.16 -14.69
CA GLU C 27 -15.58 18.61 -13.35
CA GLU C 27 -15.55 18.68 -13.33
C GLU C 27 -14.40 17.67 -13.27
N TRP C 28 -14.03 17.32 -12.04
CA TRP C 28 -13.06 16.28 -11.78
C TRP C 28 -13.72 14.96 -12.12
N GLN C 29 -13.00 14.11 -12.82
CA GLN C 29 -13.45 12.75 -13.09
C GLN C 29 -12.35 11.71 -12.99
N ASP C 30 -12.73 10.52 -12.54
CA ASP C 30 -11.82 9.41 -12.47
C ASP C 30 -11.45 9.00 -13.89
N VAL C 31 -10.20 8.62 -14.08
CA VAL C 31 -9.68 8.32 -15.41
C VAL C 31 -10.42 7.14 -16.07
N GLU C 32 -10.78 6.13 -15.29
CA GLU C 32 -11.53 4.96 -15.80
C GLU C 32 -12.96 5.34 -16.15
N ASP C 33 -13.58 6.21 -15.35
CA ASP C 33 -14.95 6.70 -15.70
C ASP C 33 -14.87 7.52 -16.97
N PHE C 34 -13.84 8.34 -17.10
CA PHE C 34 -13.62 9.13 -18.31
C PHE C 34 -13.43 8.25 -19.58
N ALA C 35 -12.55 7.26 -19.48
CA ALA C 35 -12.21 6.41 -20.62
C ALA C 35 -13.43 5.57 -21.00
N ARG C 36 -14.24 5.15 -20.05
CA ARG C 36 -15.51 4.46 -20.40
C ARG C 36 -16.46 5.40 -21.16
N ALA C 37 -16.70 6.61 -20.62
CA ALA C 37 -17.58 7.59 -21.27
C ALA C 37 -17.08 8.02 -22.68
N GLU C 38 -15.77 7.95 -22.95
CA GLU C 38 -15.20 8.23 -24.27
C GLU C 38 -15.29 7.02 -25.21
N GLY C 39 -16.03 7.16 -26.30
CA GLY C 39 -16.14 6.09 -27.30
C GLY C 39 -16.33 4.72 -26.71
N GLY C 49 -16.21 10.56 -28.99
CA GLY C 49 -14.91 11.09 -28.60
C GLY C 49 -14.88 12.60 -28.35
N ILE C 50 -15.63 13.05 -27.35
CA ILE C 50 -15.58 14.46 -26.86
C ILE C 50 -14.15 14.98 -26.57
N HIS C 51 -13.15 14.10 -26.44
CA HIS C 51 -11.73 14.50 -26.40
C HIS C 51 -10.78 13.66 -27.29
N LYS C 52 -11.29 13.06 -28.37
CA LYS C 52 -10.45 12.23 -29.25
C LYS C 52 -9.24 13.03 -29.73
N GLY C 53 -8.04 12.49 -29.50
CA GLY C 53 -6.80 13.14 -29.99
C GLY C 53 -6.15 14.12 -29.03
N TYR C 54 -6.77 14.35 -27.88
CA TYR C 54 -6.28 15.34 -26.94
C TYR C 54 -4.90 14.89 -26.47
N GLY C 55 -3.94 15.81 -26.56
CA GLY C 55 -2.59 15.61 -26.05
C GLY C 55 -1.78 14.66 -26.90
N SER C 56 -2.15 14.49 -28.18
CA SER C 56 -1.55 13.46 -29.02
C SER C 56 -0.10 13.78 -29.39
N ASP C 57 0.29 15.05 -29.29
CA ASP C 57 1.66 15.45 -29.48
C ASP C 57 2.40 15.61 -28.15
N GLY C 58 1.80 15.13 -27.06
CA GLY C 58 2.44 15.26 -25.75
C GLY C 58 1.79 16.35 -24.92
N LEU C 59 1.99 16.25 -23.60
CA LEU C 59 1.45 17.18 -22.61
C LEU C 59 2.60 17.86 -21.89
N LYS C 60 2.68 19.17 -22.03
CA LYS C 60 3.78 19.93 -21.47
C LYS C 60 3.44 20.29 -20.03
N LEU C 61 4.28 19.92 -19.08
CA LEU C 61 4.00 20.24 -17.68
C LEU C 61 4.26 21.71 -17.37
N LEU C 62 3.26 22.37 -16.79
CA LEU C 62 3.36 23.80 -16.50
C LEU C 62 3.54 24.08 -15.00
N SER C 63 2.97 23.23 -14.16
CA SER C 63 3.01 23.43 -12.74
C SER C 63 2.76 22.14 -11.98
N HIS C 64 3.21 22.13 -10.73
CA HIS C 64 2.95 20.98 -9.89
C HIS C 64 2.91 21.39 -8.43
N GLU C 65 2.20 20.59 -7.66
CA GLU C 65 2.15 20.74 -6.22
C GLU C 65 1.76 19.39 -5.68
N GLU C 66 1.88 19.23 -4.37
CA GLU C 66 1.42 18.06 -3.67
C GLU C 66 0.31 18.42 -2.74
N SER C 67 -0.56 17.46 -2.50
CA SER C 67 -1.69 17.65 -1.65
C SER C 67 -2.04 16.32 -0.98
N VAL C 68 -3.05 16.35 -0.11
CA VAL C 68 -3.54 15.16 0.56
C VAL C 68 -5.00 15.01 0.14
N SER C 69 -5.38 13.84 -0.37
CA SER C 69 -6.76 13.55 -0.71
C SER C 69 -7.17 12.26 0.01
N PHE C 70 -8.21 12.36 0.85
CA PHE C 70 -8.71 11.27 1.64
C PHE C 70 -7.59 10.45 2.27
N GLY C 71 -6.68 11.16 2.91
CA GLY C 71 -5.58 10.57 3.63
C GLY C 71 -4.42 10.11 2.76
N GLU C 72 -4.50 10.28 1.45
CA GLU C 72 -3.39 9.87 0.60
C GLU C 72 -2.66 11.08 0.04
N SER C 73 -1.33 11.07 0.09
CA SER C 73 -0.51 12.09 -0.56
C SER C 73 -0.62 11.93 -2.06
N VAL C 74 -0.90 13.02 -2.76
CA VAL C 74 -1.06 13.03 -4.22
C VAL C 74 -0.38 14.23 -4.84
N LEU C 75 -0.15 14.13 -6.14
CA LEU C 75 0.36 15.21 -6.94
C LEU C 75 -0.81 15.82 -7.67
N LYS C 76 -0.75 17.13 -7.84
CA LYS C 76 -1.70 17.83 -8.71
C LYS C 76 -0.84 18.57 -9.76
N LEU C 77 -1.08 18.26 -11.04
CA LEU C 77 -0.23 18.66 -12.14
C LEU C 77 -1.08 19.36 -13.20
N THR C 78 -0.57 20.43 -13.82
CA THR C 78 -1.29 21.13 -14.90
C THR C 78 -0.43 20.99 -16.17
N PHE C 79 -1.07 20.52 -17.25
CA PHE C 79 -0.44 20.25 -18.55
C PHE C 79 -1.06 21.06 -19.65
N ASP C 80 -0.25 21.37 -20.66
CA ASP C 80 -0.60 22.11 -21.82
C ASP C 80 -0.45 21.17 -23.05
N PRO C 81 -1.54 20.93 -23.78
CA PRO C 81 -1.48 20.04 -24.95
C PRO C 81 -0.97 20.73 -26.21
N GLY C 82 -0.77 22.04 -26.16
CA GLY C 82 -0.16 22.76 -27.27
C GLY C 82 -1.16 23.45 -28.20
N THR C 83 -2.44 23.43 -27.88
CA THR C 83 -3.49 24.00 -28.69
C THR C 83 -4.45 24.70 -27.76
N VAL C 84 -4.62 26.00 -27.95
CA VAL C 84 -5.41 26.81 -27.04
C VAL C 84 -6.86 26.34 -26.91
N GLU C 85 -7.42 25.88 -28.03
CA GLU C 85 -8.85 25.57 -28.09
C GLU C 85 -9.10 24.25 -27.35
N ASP C 86 -8.11 23.39 -27.30
CA ASP C 86 -8.23 22.15 -26.56
C ASP C 86 -8.22 22.35 -25.03
N GLY C 87 -7.55 23.43 -24.56
CA GLY C 87 -7.52 23.83 -23.16
C GLY C 87 -6.49 23.01 -22.38
N LEU C 88 -6.17 23.52 -21.20
CA LEU C 88 -5.26 22.82 -20.29
C LEU C 88 -5.98 21.64 -19.67
N LEU C 89 -5.20 20.79 -19.06
CA LEU C 89 -5.66 19.67 -18.27
C LEU C 89 -4.97 19.67 -16.91
N THR C 90 -5.71 19.52 -15.83
CA THR C 90 -5.10 19.36 -14.51
C THR C 90 -5.38 17.93 -14.09
N VAL C 91 -4.40 17.23 -13.59
CA VAL C 91 -4.65 15.91 -13.08
C VAL C 91 -4.27 15.79 -11.60
N GLU C 92 -4.84 14.77 -10.95
CA GLU C 92 -4.39 14.27 -9.67
C GLU C 92 -3.86 12.88 -9.89
N CYS C 93 -2.62 12.63 -9.45
CA CYS C 93 -2.00 11.32 -9.61
C CYS C 93 -1.14 10.94 -8.39
N LYS C 94 -0.73 9.67 -8.33
CA LYS C 94 0.08 9.17 -7.24
C LYS C 94 1.49 9.71 -7.41
N LEU C 95 2.18 9.81 -6.29
CA LEU C 95 3.53 10.42 -6.22
C LEU C 95 4.52 9.73 -7.11
N ASP C 96 4.35 8.43 -7.30
CA ASP C 96 5.30 7.65 -8.11
C ASP C 96 4.89 7.47 -9.56
N HIS C 97 3.88 8.19 -10.00
CA HIS C 97 3.47 8.07 -11.39
C HIS C 97 4.61 8.37 -12.32
N PRO C 98 4.86 7.48 -13.28
CA PRO C 98 5.90 7.68 -14.27
C PRO C 98 5.43 8.39 -15.50
N PHE C 99 6.35 9.12 -16.12
CA PHE C 99 6.09 9.87 -17.34
C PHE C 99 7.22 9.61 -18.31
N TYR C 100 6.87 9.47 -19.59
CA TYR C 100 7.86 9.32 -20.67
C TYR C 100 8.03 10.67 -21.32
N VAL C 101 9.17 11.31 -21.02
CA VAL C 101 9.40 12.70 -21.41
C VAL C 101 10.21 12.75 -22.70
N LYS C 102 9.73 13.52 -23.66
CA LYS C 102 10.39 13.67 -24.92
C LYS C 102 11.82 14.18 -24.70
N ASN C 103 12.76 13.50 -25.36
CA ASN C 103 14.21 13.79 -25.31
C ASN C 103 14.82 13.62 -23.94
N LYS C 104 14.19 12.80 -23.11
CA LYS C 104 14.70 12.51 -21.76
C LYS C 104 14.47 11.08 -21.34
N GLY C 105 13.26 10.55 -21.59
CA GLY C 105 12.91 9.21 -21.19
C GLY C 105 12.09 9.19 -19.91
N TRP C 106 12.04 8.01 -19.30
CA TRP C 106 11.22 7.79 -18.15
C TRP C 106 11.69 8.72 -17.06
N SER C 107 10.72 9.45 -16.51
CA SER C 107 10.97 10.38 -15.42
C SER C 107 9.86 10.29 -14.37
N SER C 108 10.11 10.87 -13.20
CA SER C 108 9.21 10.79 -12.07
C SER C 108 9.52 11.96 -11.17
N PHE C 109 8.56 12.34 -10.36
CA PHE C 109 8.77 13.29 -9.29
C PHE C 109 9.48 12.60 -8.11
N TYR C 110 9.41 11.27 -8.05
CA TYR C 110 10.08 10.50 -6.99
C TYR C 110 10.69 9.25 -7.57
N PRO C 111 11.82 9.41 -8.25
CA PRO C 111 12.46 8.33 -8.96
C PRO C 111 12.71 7.07 -8.16
N SER C 112 12.97 7.19 -6.86
CA SER C 112 13.33 5.97 -6.13
C SER C 112 12.07 5.24 -5.70
N LEU C 113 10.93 5.92 -5.67
CA LEU C 113 9.64 5.23 -5.45
C LEU C 113 9.15 4.50 -6.71
N THR C 114 9.32 5.16 -7.85
CA THR C 114 8.92 4.62 -9.14
C THR C 114 9.70 3.36 -9.50
N VAL C 115 11.03 3.39 -9.36
CA VAL C 115 11.82 2.20 -9.63
C VAL C 115 11.37 0.99 -8.78
N VAL C 116 11.07 1.19 -7.51
CA VAL C 116 10.61 0.08 -6.68
C VAL C 116 9.19 -0.37 -7.05
N GLN C 117 8.28 0.61 -7.21
CA GLN C 117 6.88 0.29 -7.41
C GLN C 117 6.60 -0.22 -8.84
N HIS C 118 7.26 0.36 -9.83
CA HIS C 118 6.99 0.02 -11.25
C HIS C 118 8.15 -0.61 -11.97
N GLY C 119 9.30 -0.70 -11.32
CA GLY C 119 10.47 -1.33 -11.91
C GLY C 119 10.96 -0.52 -13.08
N ILE C 120 10.74 0.78 -13.03
CA ILE C 120 11.22 1.68 -14.08
C ILE C 120 12.26 2.70 -13.56
N PRO C 121 13.52 2.65 -14.06
CA PRO C 121 14.45 3.70 -13.64
C PRO C 121 14.14 5.06 -14.24
N CYS C 122 14.14 6.10 -13.39
CA CYS C 122 13.66 7.42 -13.80
C CYS C 122 14.64 8.59 -13.61
N CYS C 123 14.61 9.54 -14.56
CA CYS C 123 15.10 10.89 -14.33
C CYS C 123 14.07 11.64 -13.52
N GLU C 124 14.39 12.86 -13.14
CA GLU C 124 13.50 13.69 -12.39
C GLU C 124 12.70 14.52 -13.41
N VAL C 125 11.40 14.63 -13.18
CA VAL C 125 10.49 15.43 -14.00
CA VAL C 125 10.58 15.44 -14.07
C VAL C 125 10.64 16.88 -13.61
N HIS C 126 10.59 17.79 -14.58
CA HIS C 126 10.62 19.23 -14.32
C HIS C 126 9.62 19.94 -15.22
N ILE C 127 9.15 21.09 -14.76
CA ILE C 127 8.36 22.00 -15.57
C ILE C 127 9.04 22.17 -16.94
N GLY C 128 8.23 22.12 -18.00
CA GLY C 128 8.72 22.24 -19.38
C GLY C 128 8.80 20.88 -20.02
N ASP C 129 8.81 19.83 -19.22
CA ASP C 129 8.91 18.47 -19.76
C ASP C 129 7.64 18.09 -20.53
N VAL C 130 7.82 17.50 -21.72
CA VAL C 130 6.71 17.12 -22.58
C VAL C 130 6.53 15.63 -22.40
N CYS C 131 5.40 15.26 -21.82
CA CYS C 131 5.07 13.90 -21.48
C CYS C 131 4.23 13.30 -22.58
N LEU C 132 4.71 12.17 -23.12
CA LEU C 132 4.19 11.57 -24.32
C LEU C 132 3.24 10.45 -23.98
N PRO C 133 2.18 10.30 -24.78
CA PRO C 133 1.32 9.14 -24.66
C PRO C 133 1.94 7.93 -25.28
N PRO C 134 1.45 6.73 -24.94
CA PRO C 134 1.95 5.51 -25.63
C PRO C 134 1.52 5.52 -27.10
N GLY C 135 2.31 4.95 -27.98
CA GLY C 135 2.00 5.03 -29.40
C GLY C 135 2.15 6.41 -30.03
N HIS C 136 2.83 7.34 -29.35
CA HIS C 136 3.42 8.52 -30.00
C HIS C 136 4.63 7.99 -30.76
N PRO C 137 4.94 8.55 -31.95
CA PRO C 137 6.13 8.18 -32.75
C PRO C 137 7.49 8.20 -32.01
N ASP C 138 7.64 9.05 -31.00
CA ASP C 138 8.86 9.08 -30.17
C ASP C 138 8.77 8.20 -28.90
N ALA C 139 7.62 7.53 -28.70
CA ALA C 139 7.35 6.77 -27.46
C ALA C 139 7.38 5.26 -27.70
S SO4 D . -14.63 -17.39 3.21
O1 SO4 D . -14.39 -17.80 1.84
O2 SO4 D . -15.79 -17.98 3.80
O3 SO4 D . -13.43 -17.48 4.03
O4 SO4 D . -14.91 -15.98 3.16
C1 EDO E . -1.90 -11.60 4.50
O1 EDO E . -1.60 -10.23 4.11
C2 EDO E . -1.27 -11.98 5.86
O2 EDO E . -2.15 -12.70 6.74
C1 EDO F . -14.63 -2.64 -12.70
O1 EDO F . -14.44 -1.24 -12.92
C2 EDO F . -14.21 -3.47 -13.90
O2 EDO F . -14.84 -4.75 -13.80
C1 EDO G . -17.85 -11.06 -6.17
O1 EDO G . -18.58 -12.20 -6.67
C2 EDO G . -18.23 -9.92 -7.11
O2 EDO G . -18.08 -10.26 -8.52
C1 EDO H . -30.99 1.64 -5.28
O1 EDO H . -30.69 1.48 -3.88
C2 EDO H . -32.42 1.20 -5.61
O2 EDO H . -33.41 2.15 -5.19
C1 EDO I . -27.19 -5.70 7.85
O1 EDO I . -28.60 -5.74 7.62
C2 EDO I . -26.57 -6.88 7.12
O2 EDO I . -27.15 -6.95 5.82
C1 EDO J . -5.19 -8.32 15.55
O1 EDO J . -6.36 -7.56 15.83
C2 EDO J . -5.55 -9.48 14.66
O2 EDO J . -6.20 -10.49 15.44
C1 EDO K . -35.11 -2.23 -10.68
O1 EDO K . -34.02 -2.36 -11.61
C2 EDO K . -34.84 -0.93 -9.97
O2 EDO K . -33.68 -0.47 -10.63
C1 EDO L . -23.15 -6.10 -11.68
O1 EDO L . -24.23 -6.93 -11.24
C2 EDO L . -21.89 -6.43 -10.89
O2 EDO L . -21.03 -7.21 -11.71
C1 EDO M . -21.46 -10.74 -13.93
O1 EDO M . -22.40 -9.80 -13.40
C2 EDO M . -20.26 -10.89 -12.99
O2 EDO M . -19.02 -10.76 -13.70
C1 EDO N . -18.54 -7.24 -14.41
O1 EDO N . -17.51 -6.84 -13.51
C2 EDO N . -19.03 -6.07 -15.25
O2 EDO N . -17.89 -5.36 -15.74
C1 EDO O . -17.78 -4.18 16.88
O1 EDO O . -19.15 -4.61 16.81
C2 EDO O . -17.10 -4.58 18.19
O2 EDO O . -16.07 -5.52 17.92
C1 EDO P . -13.22 6.09 15.86
O1 EDO P . -12.58 6.51 14.65
C2 EDO P . -12.26 5.19 16.65
O2 EDO P . -12.84 4.86 17.91
S SO4 Q . 10.66 -16.33 2.16
O1 SO4 Q . 11.60 -16.04 1.12
O2 SO4 Q . 10.45 -17.70 2.49
O3 SO4 Q . 11.27 -15.72 3.31
O4 SO4 Q . 9.41 -15.63 1.98
C1 EDO R . 16.81 -24.66 21.69
O1 EDO R . 16.30 -25.06 20.42
C2 EDO R . 16.87 -23.13 21.75
O2 EDO R . 17.30 -22.63 23.03
C1 EDO S . 25.37 -8.04 4.56
O1 EDO S . 26.05 -7.90 5.80
C2 EDO S . 24.73 -9.41 4.56
O2 EDO S . 25.62 -10.52 4.26
C1 EDO T . 36.85 -26.10 8.35
O1 EDO T . 37.73 -26.58 7.34
C2 EDO T . 36.92 -24.58 8.54
O2 EDO T . 36.31 -24.21 9.79
C1 EDO U . 7.78 -28.27 16.41
O1 EDO U . 8.20 -28.28 17.78
C2 EDO U . 8.91 -28.90 15.59
O2 EDO U . 9.98 -28.00 15.30
C1 EDO V . 26.33 -4.15 16.58
O1 EDO V . 26.70 -3.03 15.78
C2 EDO V . 27.49 -5.16 16.52
O2 EDO V . 27.45 -6.01 17.68
C1 EDO W . 20.44 -25.04 11.17
O1 EDO W . 19.52 -24.48 10.23
C2 EDO W . 21.30 -23.90 11.70
O2 EDO W . 21.76 -23.16 10.57
C1 EDO X . 15.57 1.54 5.09
O1 EDO X . 15.04 2.44 4.12
C2 EDO X . 16.98 1.94 5.49
O2 EDO X . 17.96 1.15 4.80
C1 EDO Y . 17.18 -21.56 11.56
C1 EDO Y . 17.34 -22.65 11.98
O1 EDO Y . 16.08 -21.79 10.65
O1 EDO Y . 17.26 -23.96 12.57
C2 EDO Y . 17.91 -22.89 11.75
C2 EDO Y . 17.10 -22.71 10.47
O2 EDO Y . 17.46 -23.64 12.90
O2 EDO Y . 16.42 -21.52 10.08
C1 EDO Z . 18.84 -26.24 17.54
O1 EDO Z . 17.95 -26.94 18.42
C2 EDO Z . 20.26 -26.70 17.86
O2 EDO Z . 20.25 -27.32 19.16
C1 EDO AA . 37.10 -21.40 16.67
O1 EDO AA . 36.79 -22.67 17.28
C2 EDO AA . 36.22 -21.30 15.43
O2 EDO AA . 35.13 -22.16 15.76
C1 EDO BA . 10.03 -24.27 6.69
O1 EDO BA . 10.38 -22.90 7.04
C2 EDO BA . 10.46 -25.30 7.76
O2 EDO BA . 9.45 -25.84 8.63
C1 EDO CA . 11.35 -29.58 25.87
O1 EDO CA . 10.18 -29.61 26.70
C2 EDO CA . 11.62 -28.13 25.48
O2 EDO CA . 10.65 -27.67 24.54
C1 EDO DA . 22.14 -24.02 15.59
O1 EDO DA . 21.16 -25.04 15.39
C2 EDO DA . 23.49 -24.68 15.83
O2 EDO DA . 24.19 -24.84 14.58
C1 EDO EA . 2.42 -0.22 21.87
O1 EDO EA . 1.33 -1.14 21.76
C2 EDO EA . 3.37 -0.67 22.98
O2 EDO EA . 4.64 -0.02 22.83
C1 EDO FA . 31.18 -7.66 10.12
O1 EDO FA . 31.11 -8.75 9.17
C2 EDO FA . 30.88 -8.13 11.54
O2 EDO FA . 30.47 -9.51 11.66
C1 EDO GA . 16.44 6.41 15.49
O1 EDO GA . 15.99 5.80 16.71
C2 EDO GA . 15.26 6.64 14.55
O2 EDO GA . 14.03 6.45 15.25
S SO4 HA . 10.76 22.36 -11.45
O1 SO4 HA . 11.16 23.25 -12.53
O2 SO4 HA . 9.81 21.43 -12.04
O3 SO4 HA . 11.86 21.53 -10.98
O4 SO4 HA . 10.11 23.13 -10.40
C1 EDO IA . -5.05 24.93 -12.36
O1 EDO IA . -4.21 25.33 -13.45
C2 EDO IA . -4.64 25.70 -11.12
O2 EDO IA . -3.22 25.63 -11.05
C1 EDO JA . -10.99 21.11 -6.54
O1 EDO JA . -12.38 21.04 -6.91
C2 EDO JA . -10.24 22.07 -7.46
O2 EDO JA . -8.87 21.72 -7.34
C1 EDO KA . -2.69 22.94 -10.19
O1 EDO KA . -3.55 22.41 -9.16
C2 EDO KA . -1.66 21.94 -10.70
O2 EDO KA . -0.39 22.45 -10.35
C1 EDO LA . 4.19 24.56 -3.89
O1 EDO LA . 2.95 24.34 -3.17
C2 EDO LA . 4.20 24.40 -5.42
O2 EDO LA . 5.11 23.39 -5.91
C1 EDO MA . 3.50 19.55 -26.67
O1 EDO MA . 3.43 20.70 -25.84
C2 EDO MA . 2.45 19.70 -27.75
O2 EDO MA . 2.97 20.44 -28.86
C1 EDO NA . 12.36 9.90 -26.80
O1 EDO NA . 11.67 11.10 -27.17
C2 EDO NA . 13.15 10.14 -25.51
O2 EDO NA . 14.40 9.46 -25.48
C1 EDO OA . -14.82 25.65 -24.74
O1 EDO OA . -14.65 24.43 -25.49
C2 EDO OA . -15.89 25.52 -23.68
O2 EDO OA . -15.36 26.10 -22.49
#